data_1XWV
#
_entry.id   1XWV
#
_cell.length_a   25.712
_cell.length_b   47.638
_cell.length_c   48.275
_cell.angle_alpha   85.98
_cell.angle_beta   75.90
_cell.angle_gamma   82.76
#
_symmetry.space_group_name_H-M   'P 1'
#
loop_
_entity.id
_entity.type
_entity.pdbx_description
1 polymer 'Der f II'
2 non-polymer 3,6,9,12,15,18,21,24,27,30,33,36,39-TRIDECAOXAHENTETRACONTANE-1,41-DIOL
3 non-polymer 3,6,9,12,15,18,21,24,27-NONAOXANONACOSANE-1,29-DIOL
4 water water
#
_entity_poly.entity_id   1
_entity_poly.type   'polypeptide(L)'
_entity_poly.pdbx_seq_one_letter_code
;DQVDVKDCANNEIKKVMVDGCHGSDPCIIHRGKPFTLEALFDANQNTKTAKIEIKASLDGLEIDVPGIDTNACHFMKCPL
VKGQQYDAKYTWNVPKIAPKSENVVVTVKLVGDNGVLACAIATHAKIRD
;
_entity_poly.pdbx_strand_id   A,B
#
# COMPACT_ATOMS: atom_id res chain seq x y z
N ASP A 1 0.54 9.50 5.16
CA ASP A 1 0.00 10.57 4.27
C ASP A 1 -1.47 10.80 4.58
N GLN A 2 -2.10 11.69 3.84
CA GLN A 2 -3.52 11.93 4.04
C GLN A 2 -4.26 10.69 3.55
N VAL A 3 -5.30 10.29 4.27
CA VAL A 3 -6.10 9.13 3.89
C VAL A 3 -7.59 9.44 3.78
N ASP A 4 -8.29 8.60 3.04
CA ASP A 4 -9.72 8.75 2.83
C ASP A 4 -10.54 8.18 3.98
N VAL A 5 -11.46 8.99 4.50
CA VAL A 5 -12.35 8.53 5.56
C VAL A 5 -13.77 9.01 5.26
N LYS A 6 -14.75 8.35 5.87
CA LYS A 6 -16.15 8.71 5.68
C LYS A 6 -16.59 9.48 6.94
N ASP A 7 -17.24 10.63 6.77
CA ASP A 7 -17.65 11.43 7.93
C ASP A 7 -19.01 11.00 8.46
N CYS A 8 -19.07 10.74 9.77
CA CYS A 8 -20.32 10.29 10.37
C CYS A 8 -20.94 11.29 11.34
N ALA A 9 -20.65 12.57 11.12
CA ALA A 9 -21.23 13.64 11.92
C ALA A 9 -21.52 14.79 10.94
N ASN A 10 -20.94 15.97 11.14
CA ASN A 10 -21.23 17.07 10.24
C ASN A 10 -20.02 17.66 9.55
N ASN A 11 -19.09 16.80 9.14
CA ASN A 11 -17.89 17.27 8.43
C ASN A 11 -16.95 18.15 9.22
N GLU A 12 -16.92 17.99 10.55
CA GLU A 12 -16.03 18.79 11.38
C GLU A 12 -14.56 18.47 11.10
N ILE A 13 -14.30 17.22 10.72
N ILE A 13 -14.30 17.22 10.72
CA ILE A 13 -12.93 16.79 10.42
CA ILE A 13 -12.93 16.79 10.42
C ILE A 13 -12.53 17.34 9.05
C ILE A 13 -12.53 17.34 9.05
N LYS A 14 -11.38 18.01 8.99
CA LYS A 14 -10.88 18.60 7.75
C LYS A 14 -9.80 17.78 7.04
N LYS A 15 -9.01 17.03 7.80
CA LYS A 15 -7.95 16.23 7.19
C LYS A 15 -7.55 15.14 8.14
N VAL A 16 -7.33 13.94 7.61
CA VAL A 16 -6.88 12.84 8.44
C VAL A 16 -5.64 12.29 7.76
N MET A 17 -4.61 12.05 8.56
CA MET A 17 -3.35 11.51 8.09
C MET A 17 -3.01 10.27 8.91
N VAL A 18 -2.40 9.28 8.27
CA VAL A 18 -2.00 8.06 8.94
C VAL A 18 -0.61 7.69 8.44
N ASP A 19 0.34 7.59 9.36
CA ASP A 19 1.71 7.25 8.99
C ASP A 19 1.78 5.92 8.24
N GLY A 20 2.35 5.96 7.04
CA GLY A 20 2.49 4.75 6.24
C GLY A 20 1.33 4.45 5.32
N CYS A 21 0.27 5.24 5.39
CA CYS A 21 -0.89 5.01 4.53
C CYS A 21 -1.15 6.16 3.59
N HIS A 22 -1.91 5.89 2.52
CA HIS A 22 -2.18 6.91 1.51
C HIS A 22 -3.55 6.83 0.84
N GLY A 23 -4.22 7.99 0.76
CA GLY A 23 -5.53 8.09 0.11
C GLY A 23 -6.52 6.97 0.38
N SER A 24 -7.00 6.32 -0.69
CA SER A 24 -7.95 5.22 -0.53
C SER A 24 -7.27 3.85 -0.68
N ASP A 25 -5.94 3.84 -0.64
CA ASP A 25 -5.20 2.59 -0.75
C ASP A 25 -5.46 1.76 0.51
N PRO A 26 -5.27 0.44 0.43
CA PRO A 26 -5.50 -0.36 1.64
C PRO A 26 -4.46 0.20 2.61
N CYS A 27 -4.84 0.41 3.87
CA CYS A 27 -3.95 0.97 4.87
C CYS A 27 -3.50 -0.17 5.76
N ILE A 28 -2.25 -0.57 5.57
CA ILE A 28 -1.72 -1.69 6.30
C ILE A 28 -1.33 -1.39 7.72
N ILE A 29 -1.94 -2.12 8.63
CA ILE A 29 -1.64 -1.99 10.02
C ILE A 29 -0.86 -3.23 10.42
N HIS A 30 0.40 -3.03 10.77
CA HIS A 30 1.27 -4.13 11.17
C HIS A 30 1.11 -4.36 12.66
N ARG A 31 0.54 -5.50 13.01
CA ARG A 31 0.33 -5.80 14.40
C ARG A 31 1.69 -5.89 15.13
N GLY A 32 1.69 -5.44 16.38
CA GLY A 32 2.92 -5.47 17.16
C GLY A 32 3.73 -4.20 16.98
N LYS A 33 3.18 -3.23 16.26
CA LYS A 33 3.90 -1.99 16.04
C LYS A 33 3.09 -0.75 16.21
N PRO A 34 3.76 0.38 16.41
CA PRO A 34 3.06 1.66 16.60
C PRO A 34 2.30 2.12 15.36
N PHE A 35 1.08 2.60 15.59
CA PHE A 35 0.22 3.10 14.52
C PHE A 35 0.00 4.56 14.88
N THR A 36 0.27 5.47 13.95
CA THR A 36 0.11 6.89 14.22
C THR A 36 -0.82 7.62 13.26
N LEU A 37 -1.75 8.39 13.81
CA LEU A 37 -2.65 9.17 12.98
C LEU A 37 -2.73 10.58 13.48
N GLU A 38 -3.28 11.45 12.64
CA GLU A 38 -3.42 12.83 12.99
C GLU A 38 -4.62 13.36 12.24
N ALA A 39 -5.47 14.10 12.93
CA ALA A 39 -6.66 14.64 12.28
C ALA A 39 -6.86 16.07 12.71
N LEU A 40 -7.21 16.91 11.74
CA LEU A 40 -7.49 18.32 12.00
C LEU A 40 -9.01 18.44 11.93
N PHE A 41 -9.59 19.16 12.88
CA PHE A 41 -11.03 19.35 12.88
C PHE A 41 -11.40 20.67 13.53
N ASP A 42 -12.55 21.22 13.14
CA ASP A 42 -13.05 22.47 13.72
C ASP A 42 -14.03 22.11 14.84
N ALA A 43 -13.86 22.72 16.01
CA ALA A 43 -14.72 22.48 17.16
C ALA A 43 -16.10 23.08 16.88
N ASN A 44 -17.14 22.29 17.08
CA ASN A 44 -18.50 22.73 16.81
C ASN A 44 -19.25 23.19 18.04
N GLN A 45 -18.52 23.38 19.14
CA GLN A 45 -19.15 23.76 20.38
C GLN A 45 -18.04 24.16 21.33
N ASN A 46 -18.43 24.82 22.42
CA ASN A 46 -17.48 25.18 23.46
C ASN A 46 -17.59 24.03 24.45
N THR A 47 -16.48 23.39 24.77
CA THR A 47 -16.56 22.25 25.65
C THR A 47 -15.39 22.03 26.57
N LYS A 48 -15.71 21.61 27.79
CA LYS A 48 -14.72 21.34 28.81
C LYS A 48 -14.14 19.95 28.60
N THR A 49 -14.92 19.07 27.96
CA THR A 49 -14.48 17.70 27.71
C THR A 49 -14.40 17.30 26.24
N ALA A 50 -13.59 16.29 25.97
CA ALA A 50 -13.43 15.75 24.62
C ALA A 50 -13.08 14.30 24.89
N LYS A 51 -13.99 13.39 24.52
CA LYS A 51 -13.82 11.97 24.78
C LYS A 51 -13.84 11.10 23.51
N ILE A 52 -12.83 10.25 23.37
CA ILE A 52 -12.67 9.32 22.24
C ILE A 52 -13.50 8.05 22.42
N GLU A 53 -14.36 7.73 21.45
CA GLU A 53 -15.14 6.50 21.47
C GLU A 53 -14.78 5.76 20.18
N ILE A 54 -14.26 4.55 20.31
N ILE A 54 -14.26 4.55 20.30
CA ILE A 54 -13.85 3.77 19.13
CA ILE A 54 -13.86 3.82 19.11
C ILE A 54 -14.54 2.43 19.01
C ILE A 54 -14.50 2.44 18.99
N LYS A 55 -14.88 2.08 17.78
CA LYS A 55 -15.49 0.79 17.51
C LYS A 55 -14.71 0.17 16.38
N ALA A 56 -14.43 -1.11 16.48
CA ALA A 56 -13.72 -1.77 15.41
C ALA A 56 -14.37 -3.12 15.20
N SER A 57 -14.53 -3.46 13.93
CA SER A 57 -15.11 -4.73 13.56
C SER A 57 -14.16 -5.37 12.58
N LEU A 58 -13.81 -6.62 12.87
CA LEU A 58 -12.91 -7.38 12.02
C LEU A 58 -13.75 -8.50 11.44
N ASP A 59 -13.84 -8.54 10.11
CA ASP A 59 -14.62 -9.54 9.40
C ASP A 59 -16.01 -9.66 10.00
N GLY A 60 -16.58 -8.52 10.37
CA GLY A 60 -17.93 -8.48 10.94
C GLY A 60 -18.05 -8.62 12.45
N LEU A 61 -16.96 -9.03 13.11
CA LEU A 61 -17.00 -9.21 14.55
C LEU A 61 -16.46 -8.01 15.31
N GLU A 62 -17.28 -7.44 16.17
CA GLU A 62 -16.86 -6.31 16.97
C GLU A 62 -15.77 -6.78 17.89
N ILE A 63 -14.77 -5.93 18.07
CA ILE A 63 -13.67 -6.27 18.95
C ILE A 63 -13.30 -5.08 19.80
N ASP A 64 -12.78 -5.36 20.99
CA ASP A 64 -12.38 -4.34 21.92
C ASP A 64 -11.01 -3.79 21.58
N VAL A 65 -10.92 -2.48 21.36
CA VAL A 65 -9.64 -1.83 21.05
C VAL A 65 -9.10 -1.36 22.39
N PRO A 66 -8.19 -2.14 22.99
CA PRO A 66 -7.54 -1.90 24.26
C PRO A 66 -6.43 -0.86 24.30
N GLY A 67 -6.16 -0.39 25.51
CA GLY A 67 -5.09 0.57 25.73
C GLY A 67 -5.16 1.96 25.14
N ILE A 68 -6.35 2.51 24.92
CA ILE A 68 -6.44 3.87 24.37
C ILE A 68 -6.90 4.81 25.48
N ASP A 69 -6.15 5.89 25.70
CA ASP A 69 -6.52 6.87 26.70
C ASP A 69 -7.64 7.65 26.03
N THR A 70 -8.86 7.43 26.48
CA THR A 70 -10.00 8.09 25.90
C THR A 70 -10.18 9.56 26.29
N ASN A 71 -9.28 10.12 27.12
CA ASN A 71 -9.42 11.54 27.46
C ASN A 71 -8.51 12.38 26.60
N ALA A 72 -9.12 12.87 25.54
CA ALA A 72 -8.41 13.68 24.59
C ALA A 72 -7.94 14.98 25.19
N CYS A 73 -8.51 15.40 26.33
CA CYS A 73 -8.03 16.62 26.93
C CYS A 73 -6.68 16.34 27.56
N HIS A 74 -6.30 15.06 27.60
CA HIS A 74 -4.99 14.70 28.13
C HIS A 74 -3.94 15.03 27.07
N PHE A 75 -4.40 15.37 25.86
CA PHE A 75 -3.48 15.71 24.76
C PHE A 75 -3.83 16.91 23.85
N MET A 76 -4.97 17.57 24.10
CA MET A 76 -5.40 18.78 23.38
C MET A 76 -5.52 19.86 24.46
N LYS A 77 -5.70 21.11 24.06
CA LYS A 77 -5.84 22.18 25.05
C LYS A 77 -7.31 22.48 25.33
N CYS A 78 -7.87 21.79 26.32
CA CYS A 78 -9.25 22.00 26.71
C CYS A 78 -9.31 23.12 27.75
N PRO A 79 -10.45 23.82 27.83
CA PRO A 79 -11.65 23.60 27.02
C PRO A 79 -11.49 23.96 25.54
N LEU A 80 -12.23 23.25 24.69
CA LEU A 80 -12.20 23.51 23.26
C LEU A 80 -13.12 24.69 22.98
N VAL A 81 -12.73 25.51 22.01
CA VAL A 81 -13.48 26.70 21.64
C VAL A 81 -14.20 26.58 20.30
N LYS A 82 -15.50 26.88 20.31
CA LYS A 82 -16.30 26.79 19.10
C LYS A 82 -15.67 27.60 17.97
N GLY A 83 -15.44 26.92 16.84
CA GLY A 83 -14.86 27.57 15.68
C GLY A 83 -13.34 27.47 15.58
N GLN A 84 -12.67 27.03 16.64
CA GLN A 84 -11.22 26.93 16.59
C GLN A 84 -10.81 25.61 15.96
N GLN A 85 -9.61 25.58 15.40
CA GLN A 85 -9.15 24.34 14.77
C GLN A 85 -8.20 23.61 15.67
N TYR A 86 -8.46 22.33 15.85
CA TYR A 86 -7.60 21.51 16.68
C TYR A 86 -6.88 20.43 15.91
N ASP A 87 -5.66 20.17 16.36
CA ASP A 87 -4.78 19.17 15.75
C ASP A 87 -4.68 18.00 16.72
N ALA A 88 -5.44 16.94 16.44
CA ALA A 88 -5.44 15.76 17.29
C ALA A 88 -4.49 14.71 16.74
N LYS A 89 -3.55 14.28 17.57
CA LYS A 89 -2.56 13.28 17.16
C LYS A 89 -2.57 12.14 18.15
N TYR A 90 -2.39 10.92 17.66
CA TYR A 90 -2.39 9.76 18.54
C TYR A 90 -1.45 8.69 18.01
N THR A 91 -0.74 8.03 18.91
CA THR A 91 0.15 6.93 18.50
C THR A 91 -0.27 5.78 19.38
N TRP A 92 -0.72 4.70 18.75
CA TRP A 92 -1.18 3.53 19.50
C TRP A 92 -0.36 2.29 19.16
N ASN A 93 -0.01 1.51 20.18
CA ASN A 93 0.80 0.30 19.95
C ASN A 93 -0.17 -0.82 19.60
N VAL A 94 -0.10 -1.30 18.35
CA VAL A 94 -0.99 -2.34 17.92
C VAL A 94 -0.54 -3.66 18.54
N PRO A 95 -1.40 -4.28 19.37
CA PRO A 95 -1.00 -5.57 19.95
C PRO A 95 -0.61 -6.64 18.91
N LYS A 96 0.50 -7.33 19.21
CA LYS A 96 1.01 -8.39 18.33
C LYS A 96 -0.01 -9.49 18.07
N ILE A 97 -0.94 -9.63 19.00
CA ILE A 97 -1.92 -10.68 18.85
C ILE A 97 -3.23 -10.24 18.21
N ALA A 98 -3.28 -9.01 17.70
CA ALA A 98 -4.50 -8.57 17.05
C ALA A 98 -4.70 -9.52 15.88
N PRO A 99 -5.94 -9.99 15.66
CA PRO A 99 -6.21 -10.91 14.55
C PRO A 99 -6.03 -10.26 13.19
N LYS A 100 -5.37 -10.96 12.28
CA LYS A 100 -5.18 -10.46 10.93
C LYS A 100 -6.52 -10.47 10.21
N SER A 101 -6.74 -9.45 9.39
CA SER A 101 -7.99 -9.32 8.67
C SER A 101 -7.83 -8.43 7.45
N GLU A 102 -8.57 -8.74 6.40
CA GLU A 102 -8.55 -7.96 5.17
C GLU A 102 -9.87 -7.19 5.06
N ASN A 103 -10.71 -7.27 6.09
CA ASN A 103 -12.01 -6.59 6.11
C ASN A 103 -12.26 -5.92 7.44
N VAL A 104 -11.70 -4.73 7.61
CA VAL A 104 -11.82 -4.00 8.86
C VAL A 104 -12.66 -2.72 8.74
N VAL A 105 -13.43 -2.42 9.77
CA VAL A 105 -14.21 -1.18 9.78
C VAL A 105 -13.98 -0.56 11.16
N VAL A 106 -13.46 0.67 11.18
CA VAL A 106 -13.19 1.37 12.42
C VAL A 106 -13.97 2.68 12.47
N THR A 107 -14.66 2.90 13.56
CA THR A 107 -15.44 4.12 13.75
C THR A 107 -14.85 4.84 14.95
N VAL A 108 -14.43 6.07 14.76
CA VAL A 108 -13.87 6.83 15.87
C VAL A 108 -14.71 8.07 16.10
N LYS A 109 -15.33 8.15 17.27
CA LYS A 109 -16.17 9.29 17.60
C LYS A 109 -15.47 10.13 18.68
N LEU A 110 -15.63 11.47 18.62
CA LEU A 110 -15.10 12.36 19.64
C LEU A 110 -16.34 13.08 20.17
N VAL A 111 -16.52 13.05 21.49
CA VAL A 111 -17.71 13.64 22.08
C VAL A 111 -17.40 14.72 23.12
N GLY A 112 -18.17 15.80 23.10
CA GLY A 112 -17.95 16.88 24.04
C GLY A 112 -19.12 17.00 25.01
N ASP A 113 -19.14 18.08 25.78
CA ASP A 113 -20.21 18.31 26.75
C ASP A 113 -21.58 18.39 26.09
N ASN A 114 -21.61 18.95 24.88
CA ASN A 114 -22.85 19.18 24.15
C ASN A 114 -23.04 18.33 22.89
N GLY A 115 -22.60 17.08 22.94
CA GLY A 115 -22.77 16.21 21.79
C GLY A 115 -21.51 15.85 21.03
N VAL A 116 -21.70 15.18 19.90
CA VAL A 116 -20.57 14.75 19.08
C VAL A 116 -19.75 15.93 18.59
N LEU A 117 -18.44 15.77 18.64
CA LEU A 117 -17.49 16.79 18.15
C LEU A 117 -17.06 16.42 16.76
N ALA A 118 -16.84 15.13 16.54
CA ALA A 118 -16.40 14.66 15.26
C ALA A 118 -16.66 13.17 15.15
N CYS A 119 -16.62 12.66 13.92
CA CYS A 119 -16.87 11.25 13.71
C CYS A 119 -16.37 10.84 12.33
N ALA A 120 -15.59 9.76 12.28
CA ALA A 120 -15.09 9.29 11.00
C ALA A 120 -15.12 7.77 10.98
N ILE A 121 -15.42 7.22 9.81
CA ILE A 121 -15.46 5.78 9.63
C ILE A 121 -14.38 5.46 8.61
N ALA A 122 -13.49 4.54 8.98
CA ALA A 122 -12.39 4.12 8.13
C ALA A 122 -12.64 2.68 7.69
N THR A 123 -12.63 2.44 6.37
CA THR A 123 -12.89 1.09 5.87
C THR A 123 -11.73 0.43 5.12
N HIS A 124 -10.60 1.13 5.02
CA HIS A 124 -9.45 0.59 4.29
C HIS A 124 -8.35 -0.11 5.07
N ALA A 125 -8.48 -0.16 6.39
CA ALA A 125 -7.44 -0.81 7.19
C ALA A 125 -7.36 -2.33 6.94
N LYS A 126 -6.12 -2.82 6.91
CA LYS A 126 -5.84 -4.24 6.74
C LYS A 126 -4.83 -4.54 7.84
N ILE A 127 -5.14 -5.53 8.68
CA ILE A 127 -4.24 -5.91 9.74
C ILE A 127 -3.40 -7.10 9.26
N ARG A 128 -2.09 -6.89 9.17
CA ARG A 128 -1.16 -7.93 8.72
C ARG A 128 0.07 -7.98 9.63
N ASP A 129 0.99 -8.90 9.37
CA ASP A 129 2.19 -8.93 10.18
C ASP A 129 3.05 -7.76 9.73
N ASP B 1 5.72 -8.89 -0.99
CA ASP B 1 4.83 -10.09 -0.96
C ASP B 1 4.53 -10.52 -2.39
N GLN B 2 3.80 -11.63 -2.51
CA GLN B 2 3.37 -12.09 -3.82
C GLN B 2 2.35 -11.07 -4.31
N VAL B 3 2.41 -10.76 -5.59
CA VAL B 3 1.47 -9.80 -6.16
C VAL B 3 0.75 -10.50 -7.32
N ASP B 4 -0.43 -10.01 -7.68
N ASP B 4 -0.42 -10.00 -7.68
CA ASP B 4 -1.22 -10.61 -8.76
CA ASP B 4 -1.18 -10.62 -8.75
C ASP B 4 -0.81 -10.02 -10.11
C ASP B 4 -0.80 -10.04 -10.10
N VAL B 5 -0.58 -10.91 -11.06
CA VAL B 5 -0.23 -10.52 -12.42
C VAL B 5 -1.03 -11.44 -13.34
N LYS B 6 -1.13 -11.05 -14.60
CA LYS B 6 -1.88 -11.82 -15.58
C LYS B 6 -0.86 -12.44 -16.54
N ASP B 7 -0.86 -13.76 -16.63
CA ASP B 7 0.07 -14.44 -17.51
C ASP B 7 -0.35 -14.24 -18.97
N CYS B 8 0.61 -13.93 -19.84
CA CYS B 8 0.27 -13.69 -21.24
C CYS B 8 0.95 -14.69 -22.17
N ALA B 9 1.11 -15.91 -21.68
CA ALA B 9 1.77 -16.93 -22.48
C ALA B 9 1.60 -18.30 -21.88
N ASN B 10 2.74 -18.75 -21.35
CA ASN B 10 3.05 -20.00 -20.68
C ASN B 10 2.33 -20.51 -19.46
N ASN B 11 2.58 -19.72 -18.43
CA ASN B 11 2.20 -19.95 -17.05
C ASN B 11 3.56 -20.52 -16.62
N GLU B 12 4.59 -20.09 -17.36
CA GLU B 12 5.98 -20.46 -17.09
C GLU B 12 6.32 -19.74 -15.80
N ILE B 13 5.66 -18.61 -15.60
CA ILE B 13 5.80 -17.82 -14.40
C ILE B 13 4.99 -18.53 -13.36
N LYS B 14 5.61 -18.82 -12.24
CA LYS B 14 4.90 -19.50 -11.20
C LYS B 14 4.60 -18.57 -10.04
N LYS B 15 5.41 -17.54 -9.87
CA LYS B 15 5.19 -16.64 -8.76
C LYS B 15 5.99 -15.38 -8.94
N VAL B 16 5.37 -14.25 -8.59
CA VAL B 16 6.02 -12.96 -8.69
C VAL B 16 5.84 -12.25 -7.35
N MET B 17 6.93 -11.68 -6.85
N MET B 17 6.92 -11.69 -6.85
CA MET B 17 6.90 -10.96 -5.59
CA MET B 17 6.90 -10.95 -5.59
C MET B 17 7.55 -9.59 -5.80
C MET B 17 7.55 -9.59 -5.80
N VAL B 18 7.04 -8.59 -5.09
CA VAL B 18 7.57 -7.23 -5.18
C VAL B 18 7.70 -6.70 -3.77
N ASP B 19 8.91 -6.28 -3.39
CA ASP B 19 9.13 -5.76 -2.05
C ASP B 19 8.20 -4.58 -1.76
N GLY B 20 7.37 -4.72 -0.74
CA GLY B 20 6.46 -3.62 -0.38
C GLY B 20 5.10 -3.64 -1.04
N CYS B 21 4.84 -4.65 -1.86
CA CYS B 21 3.53 -4.76 -2.51
C CYS B 21 2.83 -6.04 -2.10
N HIS B 22 1.52 -6.13 -2.38
CA HIS B 22 0.76 -7.29 -1.94
C HIS B 22 -0.50 -7.60 -2.74
N GLY B 23 -0.62 -8.85 -3.19
CA GLY B 23 -1.79 -9.30 -3.92
C GLY B 23 -2.30 -8.41 -5.04
N SER B 24 -3.55 -7.97 -4.92
CA SER B 24 -4.18 -7.09 -5.90
C SER B 24 -4.22 -5.63 -5.42
N ASP B 25 -3.52 -5.35 -4.33
CA ASP B 25 -3.43 -4.00 -3.76
C ASP B 25 -2.64 -3.11 -4.70
N PRO B 26 -2.90 -1.80 -4.65
CA PRO B 26 -2.16 -0.87 -5.50
C PRO B 26 -0.69 -1.09 -5.11
N CYS B 27 0.19 -1.24 -6.08
CA CYS B 27 1.60 -1.48 -5.81
C CYS B 27 2.31 -0.17 -6.09
N ILE B 28 2.66 0.52 -5.02
CA ILE B 28 3.28 1.83 -5.16
C ILE B 28 4.74 1.82 -5.52
N ILE B 29 5.03 2.46 -6.66
CA ILE B 29 6.39 2.60 -7.16
C ILE B 29 6.78 4.06 -6.90
N HIS B 30 7.70 4.25 -5.97
CA HIS B 30 8.14 5.59 -5.59
C HIS B 30 9.32 6.00 -6.47
N ARG B 31 9.15 7.07 -7.23
CA ARG B 31 10.23 7.50 -8.10
C ARG B 31 11.40 8.03 -7.26
N GLY B 32 12.60 7.67 -7.66
CA GLY B 32 13.81 8.08 -6.96
C GLY B 32 14.26 6.98 -6.02
N LYS B 33 13.41 5.97 -5.85
CA LYS B 33 13.72 4.86 -4.96
C LYS B 33 13.85 3.56 -5.74
N PRO B 34 14.53 2.56 -5.17
CA PRO B 34 14.69 1.28 -5.86
C PRO B 34 13.44 0.42 -5.83
N PHE B 35 13.25 -0.36 -6.89
CA PHE B 35 12.10 -1.24 -7.02
C PHE B 35 12.67 -2.66 -7.08
N THR B 36 12.23 -3.54 -6.20
CA THR B 36 12.75 -4.90 -6.21
C THR B 36 11.69 -5.96 -6.55
N LEU B 37 11.99 -6.76 -7.57
CA LEU B 37 11.09 -7.80 -8.06
C LEU B 37 11.77 -9.17 -8.08
N GLU B 38 11.01 -10.21 -7.82
CA GLU B 38 11.55 -11.55 -7.84
C GLU B 38 10.59 -12.41 -8.65
N ALA B 39 11.08 -13.21 -9.57
CA ALA B 39 10.13 -14.02 -10.28
C ALA B 39 10.58 -15.46 -10.31
N LEU B 40 9.64 -16.35 -9.99
CA LEU B 40 9.91 -17.78 -10.00
C LEU B 40 9.31 -18.32 -11.30
N PHE B 41 10.12 -18.96 -12.13
CA PHE B 41 9.61 -19.48 -13.38
C PHE B 41 10.40 -20.65 -13.94
N ASP B 42 9.73 -21.51 -14.69
CA ASP B 42 10.37 -22.65 -15.31
C ASP B 42 10.82 -22.29 -16.70
N ALA B 43 12.00 -22.74 -17.12
CA ALA B 43 12.51 -22.38 -18.44
C ALA B 43 12.20 -23.35 -19.57
N ASN B 44 11.63 -22.76 -20.62
CA ASN B 44 11.23 -23.41 -21.87
C ASN B 44 12.38 -23.59 -22.87
N GLN B 45 13.55 -22.99 -22.60
CA GLN B 45 14.66 -23.08 -23.59
C GLN B 45 16.09 -22.88 -23.06
N ASN B 46 17.09 -23.40 -23.77
CA ASN B 46 18.49 -23.17 -23.38
C ASN B 46 18.82 -21.81 -24.05
N THR B 47 19.39 -20.84 -23.34
CA THR B 47 19.79 -19.56 -23.99
C THR B 47 20.95 -18.85 -23.32
N LYS B 48 21.75 -18.17 -24.14
CA LYS B 48 22.90 -17.42 -23.67
C LYS B 48 22.44 -16.03 -23.23
N THR B 49 21.27 -15.63 -23.73
CA THR B 49 20.72 -14.34 -23.39
C THR B 49 19.33 -14.53 -22.79
N ALA B 50 18.76 -13.44 -22.42
CA ALA B 50 17.42 -13.39 -21.87
C ALA B 50 17.15 -11.93 -21.68
N LYS B 51 16.68 -11.24 -22.69
CA LYS B 51 16.51 -9.82 -22.45
C LYS B 51 15.16 -9.47 -21.86
N ILE B 52 15.01 -8.23 -21.39
CA ILE B 52 13.77 -7.80 -20.78
C ILE B 52 13.02 -6.73 -21.57
N GLU B 53 11.99 -7.22 -22.26
CA GLU B 53 11.10 -6.46 -23.12
C GLU B 53 9.95 -5.88 -22.31
N ILE B 54 9.95 -4.57 -22.12
CA ILE B 54 8.92 -3.93 -21.33
C ILE B 54 8.12 -2.86 -22.08
N LYS B 55 6.80 -2.99 -21.99
CA LYS B 55 5.92 -2.02 -22.60
C LYS B 55 5.14 -1.46 -21.43
N ALA B 56 5.31 -0.17 -21.17
CA ALA B 56 4.59 0.44 -20.05
C ALA B 56 3.66 1.50 -20.59
N SER B 57 2.40 1.43 -20.19
CA SER B 57 1.42 2.40 -20.64
C SER B 57 0.96 3.18 -19.42
N LEU B 58 1.24 4.49 -19.43
CA LEU B 58 0.82 5.35 -18.34
C LEU B 58 -0.29 6.22 -18.89
N ASP B 59 -1.48 6.03 -18.34
CA ASP B 59 -2.65 6.78 -18.77
C ASP B 59 -2.87 6.68 -20.28
N GLY B 60 -2.73 5.46 -20.81
CA GLY B 60 -2.96 5.24 -22.22
C GLY B 60 -1.81 5.47 -23.16
N LEU B 61 -0.74 6.10 -22.68
CA LEU B 61 0.41 6.37 -23.53
C LEU B 61 1.59 5.45 -23.22
N GLU B 62 2.10 4.82 -24.28
CA GLU B 62 3.22 3.91 -24.14
C GLU B 62 4.47 4.66 -23.85
N ILE B 63 5.15 4.25 -22.81
CA ILE B 63 6.36 4.91 -22.40
C ILE B 63 7.57 4.01 -22.43
N ASP B 64 8.72 4.65 -22.63
CA ASP B 64 9.99 3.94 -22.62
C ASP B 64 10.26 3.85 -21.12
N VAL B 65 10.81 2.74 -20.66
CA VAL B 65 11.08 2.64 -19.24
C VAL B 65 12.44 3.26 -18.97
N PRO B 66 12.45 4.34 -18.16
CA PRO B 66 13.63 5.12 -17.76
C PRO B 66 14.50 4.48 -16.68
N GLY B 67 15.81 4.63 -16.86
CA GLY B 67 16.75 4.10 -15.89
C GLY B 67 16.74 2.59 -15.75
N ILE B 68 16.19 1.90 -16.75
CA ILE B 68 16.15 0.44 -16.68
C ILE B 68 17.23 -0.21 -17.51
N ASP B 69 17.68 -1.35 -17.02
CA ASP B 69 18.69 -2.16 -17.66
C ASP B 69 17.98 -3.37 -18.20
N THR B 70 17.85 -3.45 -19.51
CA THR B 70 17.14 -4.55 -20.09
C THR B 70 17.89 -5.88 -20.12
N ASN B 71 19.06 -5.97 -19.48
CA ASN B 71 19.80 -7.24 -19.49
C ASN B 71 19.55 -8.05 -18.21
N ALA B 72 18.65 -9.02 -18.31
CA ALA B 72 18.31 -9.86 -17.17
C ALA B 72 19.54 -10.63 -16.67
N CYS B 73 20.44 -10.95 -17.59
CA CYS B 73 21.66 -11.67 -17.26
C CYS B 73 22.55 -10.88 -16.30
N HIS B 74 22.22 -9.61 -16.11
CA HIS B 74 22.96 -8.77 -15.17
C HIS B 74 22.39 -8.98 -13.77
N PHE B 75 21.39 -9.84 -13.65
CA PHE B 75 20.76 -10.12 -12.36
C PHE B 75 20.68 -11.61 -11.98
N MET B 76 21.06 -12.45 -12.94
CA MET B 76 21.07 -13.90 -12.74
C MET B 76 22.33 -14.41 -13.45
N LYS B 77 22.62 -15.69 -13.26
CA LYS B 77 23.73 -16.34 -13.91
C LYS B 77 23.20 -16.99 -15.20
N CYS B 78 23.63 -16.47 -16.34
N CYS B 78 23.61 -16.45 -16.33
CA CYS B 78 23.27 -17.02 -17.65
CA CYS B 78 23.23 -16.98 -17.63
C CYS B 78 24.50 -17.77 -18.14
C CYS B 78 24.39 -17.84 -18.11
N PRO B 79 24.35 -18.61 -19.18
N PRO B 79 24.20 -18.62 -19.18
CA PRO B 79 23.06 -18.82 -19.86
CA PRO B 79 23.02 -18.85 -20.03
C PRO B 79 22.07 -19.69 -19.06
C PRO B 79 21.68 -19.01 -19.34
N LEU B 80 20.83 -19.82 -19.54
N LEU B 80 21.18 -20.23 -19.38
CA LEU B 80 19.83 -20.65 -18.85
CA LEU B 80 19.92 -20.65 -18.79
C LEU B 80 19.75 -22.05 -19.42
C LEU B 80 19.75 -22.04 -19.39
N VAL B 81 19.30 -22.98 -18.57
CA VAL B 81 19.14 -24.37 -18.98
C VAL B 81 17.69 -24.78 -18.99
N LYS B 82 17.27 -25.19 -20.18
CA LYS B 82 15.88 -25.63 -20.50
C LYS B 82 15.16 -26.68 -19.61
N GLY B 83 14.58 -26.24 -18.51
CA GLY B 83 13.87 -27.14 -17.61
C GLY B 83 14.15 -26.79 -16.17
N GLN B 84 15.20 -25.99 -15.99
CA GLN B 84 15.62 -25.55 -14.66
C GLN B 84 14.67 -24.46 -14.17
N GLN B 85 14.49 -24.38 -12.87
CA GLN B 85 13.61 -23.37 -12.29
C GLN B 85 14.53 -22.32 -11.68
N TYR B 86 14.33 -21.08 -12.10
CA TYR B 86 15.14 -20.00 -11.58
C TYR B 86 14.31 -19.07 -10.71
N ASP B 87 14.91 -18.58 -9.64
CA ASP B 87 14.28 -17.64 -8.72
C ASP B 87 15.05 -16.33 -8.89
N ALA B 88 14.61 -15.54 -9.89
CA ALA B 88 15.19 -14.28 -10.31
C ALA B 88 14.83 -13.08 -9.42
N LYS B 89 15.85 -12.36 -8.94
CA LYS B 89 15.77 -11.14 -8.11
C LYS B 89 16.23 -9.95 -8.98
N TYR B 90 15.38 -8.95 -9.17
CA TYR B 90 15.73 -7.81 -10.02
C TYR B 90 15.51 -6.50 -9.32
N THR B 91 16.41 -5.55 -9.52
CA THR B 91 16.25 -4.23 -8.91
C THR B 91 16.35 -3.13 -9.95
N TRP B 92 15.35 -2.26 -9.95
CA TRP B 92 15.29 -1.15 -10.88
C TRP B 92 15.30 0.10 -10.04
N ASN B 93 16.28 0.98 -10.25
CA ASN B 93 16.34 2.22 -9.51
C ASN B 93 15.50 3.22 -10.29
N VAL B 94 14.26 3.39 -9.85
CA VAL B 94 13.29 4.27 -10.51
C VAL B 94 13.71 5.74 -10.53
N PRO B 95 13.87 6.30 -11.74
CA PRO B 95 14.26 7.70 -11.93
C PRO B 95 13.24 8.66 -11.34
N LYS B 96 13.71 9.80 -10.83
CA LYS B 96 12.80 10.77 -10.24
C LYS B 96 11.92 11.41 -11.28
N ILE B 97 12.31 11.26 -12.54
CA ILE B 97 11.53 11.87 -13.57
C ILE B 97 10.56 10.90 -14.25
N ALA B 98 10.33 9.75 -13.62
CA ALA B 98 9.36 8.81 -14.17
C ALA B 98 8.02 9.51 -13.97
N PRO B 99 7.18 9.55 -15.01
CA PRO B 99 5.88 10.22 -14.87
C PRO B 99 5.01 9.60 -13.77
N LYS B 100 4.36 10.45 -12.98
CA LYS B 100 3.47 9.95 -11.95
C LYS B 100 2.20 9.51 -12.69
N SER B 101 1.56 8.45 -12.20
CA SER B 101 0.33 7.95 -12.80
C SER B 101 -0.41 6.97 -11.88
N GLU B 102 -1.74 7.01 -11.91
CA GLU B 102 -2.55 6.09 -11.11
C GLU B 102 -3.19 5.00 -11.98
N ASN B 103 -2.84 5.01 -13.26
CA ASN B 103 -3.39 4.03 -14.20
C ASN B 103 -2.24 3.53 -15.06
N VAL B 104 -1.59 2.49 -14.57
CA VAL B 104 -0.43 1.92 -15.25
C VAL B 104 -0.65 0.46 -15.61
N VAL B 105 -0.21 0.10 -16.81
CA VAL B 105 -0.29 -1.27 -17.29
C VAL B 105 1.10 -1.59 -17.82
N VAL B 106 1.73 -2.61 -17.26
CA VAL B 106 3.06 -2.97 -17.72
C VAL B 106 3.05 -4.42 -18.21
N THR B 107 3.59 -4.64 -19.40
CA THR B 107 3.67 -5.98 -19.95
C THR B 107 5.16 -6.31 -19.98
N VAL B 108 5.54 -7.38 -19.30
CA VAL B 108 6.94 -7.75 -19.26
C VAL B 108 7.16 -9.15 -19.78
N LYS B 109 8.03 -9.29 -20.77
CA LYS B 109 8.30 -10.63 -21.26
C LYS B 109 9.79 -10.85 -21.30
N LEU B 110 10.17 -12.09 -21.03
CA LEU B 110 11.57 -12.46 -21.03
C LEU B 110 11.76 -13.14 -22.36
N VAL B 111 12.78 -12.72 -23.10
CA VAL B 111 13.03 -13.32 -24.38
C VAL B 111 14.46 -13.84 -24.44
N GLY B 112 14.62 -15.10 -24.83
CA GLY B 112 15.93 -15.69 -24.93
C GLY B 112 16.36 -15.77 -26.38
N ASP B 113 17.37 -16.60 -26.67
CA ASP B 113 17.84 -16.76 -28.05
C ASP B 113 16.76 -17.39 -28.91
N ASN B 114 16.00 -18.31 -28.31
CA ASN B 114 14.98 -19.04 -29.05
C ASN B 114 13.56 -18.62 -28.76
N GLY B 115 13.35 -17.37 -28.38
CA GLY B 115 11.98 -16.98 -28.12
C GLY B 115 11.60 -16.55 -26.73
N VAL B 116 10.27 -16.42 -26.53
CA VAL B 116 9.64 -15.98 -25.29
C VAL B 116 9.73 -17.01 -24.19
N LEU B 117 10.47 -16.56 -23.20
CA LEU B 117 10.77 -17.23 -21.96
C LEU B 117 9.53 -17.18 -21.06
N ALA B 118 9.02 -15.98 -20.84
CA ALA B 118 7.83 -15.82 -20.00
C ALA B 118 7.18 -14.47 -20.24
N CYS B 119 5.90 -14.36 -19.91
CA CYS B 119 5.17 -13.12 -20.13
C CYS B 119 4.18 -12.83 -19.02
N ALA B 120 4.23 -11.62 -18.48
CA ALA B 120 3.29 -11.22 -17.42
C ALA B 120 2.83 -9.79 -17.63
N ILE B 121 1.57 -9.54 -17.32
CA ILE B 121 1.00 -8.20 -17.42
C ILE B 121 0.62 -7.80 -15.99
N ALA B 122 1.04 -6.62 -15.57
CA ALA B 122 0.74 -6.11 -14.23
C ALA B 122 -0.10 -4.85 -14.40
N THR B 123 -1.21 -4.77 -13.68
CA THR B 123 -2.11 -3.64 -13.79
C THR B 123 -2.31 -2.82 -12.52
N HIS B 124 -1.64 -3.20 -11.43
CA HIS B 124 -1.84 -2.51 -10.16
C HIS B 124 -0.74 -1.54 -9.75
N ALA B 125 0.21 -1.27 -10.64
CA ALA B 125 1.27 -0.34 -10.27
C ALA B 125 0.76 1.09 -10.33
N LYS B 126 1.28 1.92 -9.42
CA LYS B 126 0.95 3.34 -9.36
C LYS B 126 2.31 4.01 -9.16
N ILE B 127 2.59 5.05 -9.94
CA ILE B 127 3.86 5.77 -9.78
C ILE B 127 3.58 7.07 -9.05
N ARG B 128 4.23 7.25 -7.90
CA ARG B 128 4.06 8.44 -7.08
C ARG B 128 5.43 8.83 -6.49
N ASP B 129 5.44 9.93 -5.77
CA ASP B 129 6.64 10.30 -5.07
C ASP B 129 6.74 9.28 -3.96
#